data_6G5J
#
_entry.id   6G5J
#
_cell.length_a   27.962
_cell.length_b   85.501
_cell.length_c   103.079
_cell.angle_alpha   90.00
_cell.angle_beta   90.00
_cell.angle_gamma   90.00
#
_symmetry.space_group_name_H-M   'P 21 21 21'
#
loop_
_entity.id
_entity.type
_entity.pdbx_description
1 polymer 'Group 10 secretory phospholipase A2'
2 non-polymer 'CALCIUM ION'
3 non-polymer '(3~{R})-3-[3-[2-aminocarbonyl-6-(trifluoromethyloxy)indol-1-yl]phenyl]butanoic acid'
4 non-polymer DI(HYDROXYETHYL)ETHER
5 non-polymer 'DIMETHYL SULFOXIDE'
6 water water
#
_entity_poly.entity_id   1
_entity_poly.type   'polypeptide(L)'
_entity_poly.pdbx_seq_one_letter_code
;MGPLPVCLPIMLLLLLPSLLLLLLLPGPGSGEASRILRVHRRGILELAGTVGCVGPRTPIAYMKYGCFCGLGGHGQPRDA
IDWCCHGHDCCYTRAEEAGCSPKTERYSWQCVNQSVLCGPAENKCQELLCKCDQEIANCLAQTEYNLKYLFYPQFLCEPD
SPKCD
;
_entity_poly.pdbx_strand_id   A,B
#
# COMPACT_ATOMS: atom_id res chain seq x y z
N GLY A 43 -6.07 6.94 3.52
CA GLY A 43 -7.31 7.29 2.77
C GLY A 43 -8.31 8.07 3.61
N ILE A 44 -9.51 8.28 3.06
CA ILE A 44 -10.57 9.08 3.72
CA ILE A 44 -10.52 9.09 3.75
C ILE A 44 -10.96 8.47 5.08
N LEU A 45 -10.94 7.13 5.16
CA LEU A 45 -11.26 6.42 6.41
C LEU A 45 -10.31 6.85 7.54
N GLU A 46 -9.00 6.84 7.25
CA GLU A 46 -7.99 7.25 8.22
C GLU A 46 -8.00 8.75 8.45
N LEU A 47 -8.32 9.54 7.41
CA LEU A 47 -8.43 10.99 7.58
C LEU A 47 -9.50 11.31 8.63
N ALA A 48 -10.67 10.69 8.48
CA ALA A 48 -11.77 10.87 9.43
C ALA A 48 -11.36 10.42 10.82
N GLY A 49 -10.80 9.22 10.90
CA GLY A 49 -10.37 8.64 12.17
C GLY A 49 -9.36 9.47 12.93
N THR A 50 -8.31 9.88 12.22
CA THR A 50 -7.23 10.66 12.83
C THR A 50 -7.75 12.03 13.31
N VAL A 51 -8.53 12.68 12.48
CA VAL A 51 -9.08 13.97 12.84
C VAL A 51 -9.97 13.83 14.08
N GLY A 52 -10.81 12.81 14.10
CA GLY A 52 -11.64 12.48 15.26
C GLY A 52 -10.87 12.18 16.53
N CYS A 53 -9.79 11.42 16.40
CA CYS A 53 -8.89 11.09 17.51
C CYS A 53 -8.38 12.31 18.29
N VAL A 54 -7.79 13.26 17.57
CA VAL A 54 -7.04 14.34 18.19
C VAL A 54 -7.96 15.49 18.59
N GLY A 55 -8.95 15.79 17.76
CA GLY A 55 -9.72 17.03 17.90
C GLY A 55 -11.02 16.82 18.66
N PRO A 56 -11.73 17.92 18.94
CA PRO A 56 -12.93 17.87 19.75
C PRO A 56 -14.24 17.67 18.99
N ARG A 57 -14.21 17.64 17.66
CA ARG A 57 -15.44 17.69 16.87
C ARG A 57 -15.53 16.63 15.78
N THR A 58 -16.76 16.38 15.34
CA THR A 58 -17.00 15.41 14.29
C THR A 58 -16.21 15.79 13.05
N PRO A 59 -15.57 14.79 12.39
CA PRO A 59 -14.84 15.10 11.16
C PRO A 59 -15.75 15.63 10.05
N ILE A 60 -17.05 15.33 10.12
CA ILE A 60 -18.10 15.93 9.26
C ILE A 60 -17.97 17.46 9.14
N ALA A 61 -17.51 18.08 10.23
CA ALA A 61 -17.40 19.54 10.35
C ALA A 61 -16.45 20.16 9.33
N TYR A 62 -15.59 19.34 8.75
CA TYR A 62 -14.60 19.78 7.76
C TYR A 62 -14.88 19.29 6.32
N MET A 63 -16.07 18.76 6.08
CA MET A 63 -16.42 18.23 4.76
CA MET A 63 -16.42 18.23 4.75
C MET A 63 -16.64 19.36 3.74
N LYS A 64 -17.08 20.51 4.24
CA LYS A 64 -17.37 21.68 3.43
C LYS A 64 -17.24 22.91 4.33
N TYR A 65 -16.04 23.47 4.41
CA TYR A 65 -15.74 24.60 5.30
C TYR A 65 -14.74 25.51 4.66
N GLY A 66 -15.04 26.80 4.65
CA GLY A 66 -14.16 27.77 4.05
C GLY A 66 -13.94 27.51 2.58
N CYS A 67 -12.76 27.87 2.11
CA CYS A 67 -12.40 27.65 0.71
C CYS A 67 -11.62 26.35 0.45
N PHE A 68 -11.08 25.72 1.50
CA PHE A 68 -10.20 24.56 1.32
C PHE A 68 -10.65 23.23 1.94
N CYS A 69 -11.43 23.27 3.02
CA CYS A 69 -11.90 22.03 3.61
C CYS A 69 -13.04 21.50 2.76
N GLY A 70 -12.80 20.37 2.10
CA GLY A 70 -13.69 19.83 1.10
C GLY A 70 -12.93 19.43 -0.13
N LEU A 71 -13.63 18.87 -1.10
CA LEU A 71 -13.01 18.35 -2.33
C LEU A 71 -12.41 19.51 -3.12
N GLY A 72 -11.13 19.39 -3.50
CA GLY A 72 -10.36 20.51 -4.04
C GLY A 72 -10.24 21.70 -3.11
N GLY A 73 -10.18 22.90 -3.69
CA GLY A 73 -10.04 24.12 -2.93
C GLY A 73 -9.17 25.14 -3.62
N HIS A 74 -9.63 26.39 -3.58
CA HIS A 74 -8.89 27.51 -4.12
C HIS A 74 -9.32 28.78 -3.38
N GLY A 75 -8.44 29.78 -3.36
CA GLY A 75 -8.73 31.08 -2.72
C GLY A 75 -7.83 31.42 -1.56
N GLN A 76 -8.20 32.47 -0.84
CA GLN A 76 -7.53 32.87 0.39
C GLN A 76 -8.13 32.08 1.55
N PRO A 77 -7.31 31.30 2.29
CA PRO A 77 -7.86 30.61 3.45
C PRO A 77 -8.51 31.59 4.43
N ARG A 78 -9.74 31.29 4.82
CA ARG A 78 -10.53 32.19 5.62
C ARG A 78 -10.12 32.34 7.09
N ASP A 79 -9.57 31.29 7.68
CA ASP A 79 -9.24 31.28 9.11
C ASP A 79 -8.26 30.12 9.41
N ALA A 80 -7.96 29.88 10.68
CA ALA A 80 -6.97 28.84 11.05
C ALA A 80 -7.36 27.45 10.53
N ILE A 81 -8.63 27.08 10.68
CA ILE A 81 -9.13 25.81 10.16
C ILE A 81 -8.86 25.68 8.67
N ASP A 82 -9.19 26.74 7.94
CA ASP A 82 -9.06 26.73 6.50
C ASP A 82 -7.59 26.62 6.08
N TRP A 83 -6.72 27.25 6.88
CA TRP A 83 -5.28 27.15 6.68
C TRP A 83 -4.77 25.71 6.89
N CYS A 84 -5.32 25.01 7.89
CA CYS A 84 -5.00 23.59 8.12
C CYS A 84 -5.37 22.76 6.91
N CYS A 85 -6.54 23.03 6.35
CA CYS A 85 -7.00 22.32 5.14
C CYS A 85 -6.16 22.66 3.91
N HIS A 86 -5.74 23.92 3.79
CA HIS A 86 -4.83 24.31 2.73
C HIS A 86 -3.50 23.52 2.82
N GLY A 87 -2.90 23.50 4.00
CA GLY A 87 -1.68 22.72 4.24
C GLY A 87 -1.86 21.25 3.92
N HIS A 88 -3.02 20.70 4.28
CA HIS A 88 -3.35 19.29 4.04
C HIS A 88 -3.57 18.99 2.55
N ASP A 89 -4.30 19.85 1.85
CA ASP A 89 -4.41 19.78 0.38
C ASP A 89 -3.04 19.75 -0.28
N CYS A 90 -2.17 20.67 0.12
CA CYS A 90 -0.77 20.68 -0.33
C CYS A 90 -0.04 19.36 -0.04
N CYS A 91 -0.20 18.87 1.19
CA CYS A 91 0.42 17.60 1.61
C CYS A 91 -0.03 16.44 0.70
N TYR A 92 -1.33 16.34 0.47
CA TYR A 92 -1.88 15.35 -0.46
C TYR A 92 -1.34 15.50 -1.89
N THR A 93 -1.22 16.73 -2.38
CA THR A 93 -0.62 16.96 -3.70
C THR A 93 0.80 16.40 -3.77
N ARG A 94 1.61 16.69 -2.75
CA ARG A 94 2.97 16.13 -2.66
C ARG A 94 2.97 14.60 -2.66
N ALA A 95 2.01 13.99 -1.96
CA ALA A 95 1.91 12.53 -1.91
C ALA A 95 1.52 11.93 -3.26
N GLU A 96 0.58 12.58 -3.94
CA GLU A 96 0.23 12.20 -5.31
C GLU A 96 1.46 12.28 -6.21
N GLU A 97 2.22 13.36 -6.06
CA GLU A 97 3.44 13.54 -6.83
C GLU A 97 4.51 12.50 -6.50
N ALA A 98 4.47 11.98 -5.27
CA ALA A 98 5.33 10.86 -4.85
C ALA A 98 4.85 9.46 -5.30
N GLY A 99 3.74 9.38 -6.06
CA GLY A 99 3.17 8.10 -6.52
C GLY A 99 2.25 7.42 -5.53
N CYS A 100 1.52 8.20 -4.73
CA CYS A 100 0.59 7.66 -3.73
C CYS A 100 -0.85 8.10 -4.06
N SER A 101 -1.81 7.43 -3.42
CA SER A 101 -3.24 7.64 -3.64
C SER A 101 -3.90 8.05 -2.33
N PRO A 102 -3.77 9.34 -1.96
CA PRO A 102 -4.20 9.79 -0.63
C PRO A 102 -5.68 9.56 -0.28
N LYS A 103 -6.55 9.43 -1.28
CA LYS A 103 -7.97 9.24 -0.99
C LYS A 103 -8.34 7.83 -0.59
N THR A 104 -7.59 6.84 -1.06
CA THR A 104 -7.98 5.44 -0.88
C THR A 104 -6.99 4.55 -0.13
N GLU A 105 -5.72 4.90 -0.15
CA GLU A 105 -4.69 3.98 0.31
C GLU A 105 -4.76 3.84 1.83
N ARG A 106 -4.90 2.61 2.31
CA ARG A 106 -5.05 2.35 3.73
C ARG A 106 -3.70 2.43 4.45
N TYR A 107 -3.71 2.83 5.71
CA TYR A 107 -2.54 2.71 6.57
C TYR A 107 -2.94 2.44 8.02
N SER A 108 -1.99 1.94 8.80
CA SER A 108 -2.22 1.63 10.21
C SER A 108 -1.78 2.80 11.10
N TRP A 109 -2.51 2.98 12.18
CA TRP A 109 -2.25 4.05 13.15
C TRP A 109 -2.96 3.74 14.44
N GLN A 110 -2.58 4.41 15.52
CA GLN A 110 -3.24 4.24 16.82
C GLN A 110 -3.61 5.59 17.38
N CYS A 111 -4.70 5.64 18.13
CA CYS A 111 -5.11 6.82 18.87
C CYS A 111 -4.76 6.60 20.35
N VAL A 112 -3.79 7.35 20.85
CA VAL A 112 -3.34 7.26 22.24
C VAL A 112 -3.40 8.66 22.87
N ASN A 113 -4.20 8.81 23.93
CA ASN A 113 -4.34 10.13 24.62
C ASN A 113 -4.65 11.28 23.65
N GLN A 114 -5.62 11.06 22.78
CA GLN A 114 -6.00 12.02 21.76
C GLN A 114 -4.80 12.47 20.92
N SER A 115 -3.92 11.53 20.58
CA SER A 115 -2.78 11.78 19.71
C SER A 115 -2.67 10.62 18.71
N VAL A 116 -2.25 10.93 17.49
CA VAL A 116 -2.10 9.94 16.43
C VAL A 116 -0.67 9.45 16.41
N LEU A 117 -0.50 8.12 16.45
CA LEU A 117 0.80 7.48 16.30
C LEU A 117 0.74 6.66 15.03
N CYS A 118 1.68 6.93 14.13
CA CYS A 118 1.64 6.37 12.77
C CYS A 118 2.40 5.05 12.73
N GLY A 119 1.76 4.05 12.15
CA GLY A 119 2.43 2.80 11.85
C GLY A 119 1.70 1.61 12.41
N PRO A 120 2.21 0.40 12.14
CA PRO A 120 3.43 0.19 11.32
C PRO A 120 3.17 0.42 9.83
N ALA A 121 4.17 0.91 9.11
CA ALA A 121 4.11 1.15 7.66
C ALA A 121 4.76 0.04 6.84
N GLU A 122 4.14 -0.33 5.72
CA GLU A 122 4.70 -1.30 4.79
C GLU A 122 5.52 -0.67 3.67
N ASN A 123 5.30 0.62 3.44
CA ASN A 123 5.92 1.33 2.35
C ASN A 123 5.94 2.83 2.65
N LYS A 124 6.55 3.59 1.75
CA LYS A 124 6.71 5.02 1.96
C LYS A 124 5.40 5.80 1.85
N CYS A 125 4.50 5.33 0.98
CA CYS A 125 3.21 6.01 0.82
C CYS A 125 2.38 6.00 2.10
N GLN A 126 2.35 4.85 2.79
CA GLN A 126 1.67 4.76 4.07
C GLN A 126 2.21 5.74 5.09
N GLU A 127 3.54 5.87 5.16
CA GLU A 127 4.11 6.84 6.11
C GLU A 127 3.79 8.28 5.71
N LEU A 128 3.90 8.61 4.42
CA LEU A 128 3.55 9.96 3.92
C LEU A 128 2.11 10.36 4.22
N LEU A 129 1.18 9.46 3.93
CA LEU A 129 -0.24 9.73 4.15
C LEU A 129 -0.58 9.89 5.62
N CYS A 130 -0.05 8.99 6.46
CA CYS A 130 -0.26 9.11 7.89
C CYS A 130 0.31 10.42 8.42
N LYS A 131 1.47 10.83 7.90
CA LYS A 131 2.06 12.11 8.31
C LYS A 131 1.16 13.29 7.93
N CYS A 132 0.62 13.29 6.72
CA CYS A 132 -0.31 14.34 6.30
C CYS A 132 -1.52 14.43 7.21
N ASP A 133 -2.12 13.29 7.49
CA ASP A 133 -3.35 13.26 8.28
C ASP A 133 -3.10 13.58 9.76
N GLN A 134 -1.99 13.07 10.30
CA GLN A 134 -1.52 13.41 11.66
C GLN A 134 -1.33 14.93 11.79
N GLU A 135 -0.66 15.51 10.80
CA GLU A 135 -0.41 16.96 10.77
C GLU A 135 -1.74 17.77 10.77
N ILE A 136 -2.70 17.42 9.92
CA ILE A 136 -3.98 18.15 9.89
C ILE A 136 -4.79 17.92 11.17
N ALA A 137 -4.79 16.69 11.67
CA ALA A 137 -5.42 16.39 12.95
C ALA A 137 -4.88 17.26 14.09
N ASN A 138 -3.56 17.37 14.20
CA ASN A 138 -2.94 18.27 15.19
C ASN A 138 -3.29 19.75 14.97
N CYS A 139 -3.21 20.19 13.71
CA CYS A 139 -3.51 21.57 13.31
C CYS A 139 -4.95 21.96 13.71
N LEU A 140 -5.91 21.11 13.34
CA LEU A 140 -7.32 21.39 13.59
C LEU A 140 -7.70 21.38 15.07
N ALA A 141 -7.05 20.50 15.84
CA ALA A 141 -7.34 20.36 17.26
C ALA A 141 -7.06 21.63 18.07
N GLN A 142 -6.17 22.48 17.59
CA GLN A 142 -5.83 23.75 18.24
C GLN A 142 -6.70 24.92 17.80
N THR A 143 -7.76 24.67 17.03
CA THR A 143 -8.57 25.73 16.44
C THR A 143 -9.88 25.92 17.12
N GLU A 144 -10.40 27.14 16.98
CA GLU A 144 -11.79 27.45 17.26
C GLU A 144 -12.58 27.30 15.96
N TYR A 145 -13.75 26.66 16.03
CA TYR A 145 -14.60 26.48 14.86
C TYR A 145 -15.41 27.75 14.64
N ASN A 146 -15.35 28.29 13.42
CA ASN A 146 -16.15 29.45 13.06
C ASN A 146 -17.32 28.97 12.22
N LEU A 147 -18.50 28.90 12.84
CA LEU A 147 -19.71 28.36 12.19
C LEU A 147 -20.04 29.05 10.87
N LYS A 148 -19.71 30.34 10.76
CA LYS A 148 -19.99 31.09 9.55
C LYS A 148 -19.27 30.59 8.28
N TYR A 149 -18.18 29.81 8.41
CA TYR A 149 -17.51 29.21 7.26
C TYR A 149 -17.99 27.81 6.89
N LEU A 150 -18.83 27.18 7.73
CA LEU A 150 -19.52 25.96 7.33
C LEU A 150 -20.41 26.22 6.11
N PHE A 151 -20.21 25.45 5.03
CA PHE A 151 -20.90 25.65 3.74
C PHE A 151 -20.73 27.08 3.20
N TYR A 152 -19.49 27.57 3.29
CA TYR A 152 -19.14 28.88 2.77
C TYR A 152 -19.25 28.83 1.25
N PRO A 153 -19.86 29.85 0.62
CA PRO A 153 -20.10 29.74 -0.83
C PRO A 153 -18.83 29.80 -1.66
N GLN A 154 -18.70 28.84 -2.56
CA GLN A 154 -17.50 28.73 -3.40
C GLN A 154 -17.31 29.98 -4.28
N PHE A 155 -18.41 30.66 -4.63
CA PHE A 155 -18.33 31.88 -5.46
C PHE A 155 -17.61 33.05 -4.77
N LEU A 156 -17.45 33.00 -3.45
CA LEU A 156 -16.65 34.00 -2.75
C LEU A 156 -15.18 33.65 -2.67
N CYS A 157 -14.80 32.43 -3.03
CA CYS A 157 -13.40 32.03 -2.98
C CYS A 157 -12.69 32.45 -4.26
N GLU A 158 -11.53 33.08 -4.08
CA GLU A 158 -10.76 33.69 -5.17
C GLU A 158 -10.18 32.60 -6.09
N PRO A 159 -9.94 32.93 -7.37
CA PRO A 159 -9.33 31.92 -8.26
C PRO A 159 -7.91 31.53 -7.87
N ASP A 160 -7.14 32.47 -7.33
CA ASP A 160 -5.74 32.24 -6.91
C ASP A 160 -5.69 31.72 -5.50
N SER A 161 -4.64 30.96 -5.20
CA SER A 161 -4.41 30.41 -3.86
C SER A 161 -2.98 30.67 -3.39
N PRO A 162 -2.75 30.64 -2.07
CA PRO A 162 -1.38 30.65 -1.56
C PRO A 162 -0.58 29.44 -2.01
N LYS A 163 0.74 29.58 -2.00
CA LYS A 163 1.64 28.54 -2.49
C LYS A 163 1.77 27.44 -1.44
N CYS A 164 2.17 26.25 -1.88
CA CYS A 164 2.34 25.11 -0.98
C CYS A 164 3.76 25.07 -0.41
N GLY B 43 0.88 -9.64 -0.84
CA GLY B 43 1.24 -10.47 0.36
C GLY B 43 1.03 -11.95 0.12
N ILE B 44 1.26 -12.75 1.17
CA ILE B 44 1.15 -14.21 1.04
C ILE B 44 -0.22 -14.66 0.52
N LEU B 45 -1.29 -13.94 0.89
CA LEU B 45 -2.63 -14.25 0.39
C LEU B 45 -2.73 -14.08 -1.11
N GLU B 46 -2.17 -12.99 -1.65
CA GLU B 46 -2.20 -12.78 -3.08
C GLU B 46 -1.25 -13.73 -3.81
N LEU B 47 -0.12 -14.07 -3.18
CA LEU B 47 0.77 -15.07 -3.74
C LEU B 47 0.03 -16.40 -3.93
N ALA B 48 -0.58 -16.89 -2.86
CA ALA B 48 -1.39 -18.13 -2.93
C ALA B 48 -2.51 -18.02 -3.97
N GLY B 49 -3.24 -16.90 -3.95
CA GLY B 49 -4.35 -16.68 -4.86
C GLY B 49 -3.97 -16.64 -6.33
N THR B 50 -2.90 -15.89 -6.65
CA THR B 50 -2.47 -15.75 -8.05
C THR B 50 -1.98 -17.09 -8.60
N VAL B 51 -1.17 -17.79 -7.83
CA VAL B 51 -0.72 -19.14 -8.20
C VAL B 51 -1.93 -20.08 -8.37
N GLY B 52 -2.87 -20.03 -7.42
CA GLY B 52 -4.15 -20.76 -7.52
C GLY B 52 -5.02 -20.43 -8.74
N CYS B 53 -4.99 -19.17 -9.18
CA CYS B 53 -5.71 -18.73 -10.39
C CYS B 53 -5.22 -19.46 -11.63
N VAL B 54 -3.91 -19.42 -11.82
CA VAL B 54 -3.31 -19.91 -13.06
C VAL B 54 -3.32 -21.45 -13.11
N GLY B 55 -3.16 -22.11 -11.96
CA GLY B 55 -3.16 -23.59 -11.93
C GLY B 55 -1.82 -24.08 -12.41
N PRO B 56 -1.61 -25.40 -12.56
CA PRO B 56 -2.63 -26.45 -12.49
C PRO B 56 -2.78 -27.14 -11.12
N ARG B 57 -2.13 -26.63 -10.08
CA ARG B 57 -2.14 -27.31 -8.78
C ARG B 57 -2.36 -26.36 -7.63
N THR B 58 -2.77 -26.92 -6.50
CA THR B 58 -2.93 -26.14 -5.28
C THR B 58 -1.65 -25.33 -4.98
N PRO B 59 -1.81 -24.06 -4.57
CA PRO B 59 -0.63 -23.26 -4.20
C PRO B 59 0.20 -23.85 -3.05
N ILE B 60 -0.40 -24.66 -2.17
CA ILE B 60 0.30 -25.35 -1.07
CA ILE B 60 0.39 -25.26 -1.09
C ILE B 60 1.33 -26.35 -1.60
N ALA B 61 1.20 -26.77 -2.87
CA ALA B 61 2.18 -27.64 -3.51
C ALA B 61 3.59 -27.02 -3.54
N TYR B 62 3.66 -25.69 -3.37
CA TYR B 62 4.93 -24.94 -3.39
C TYR B 62 5.33 -24.36 -2.02
N MET B 63 4.66 -24.79 -0.97
CA MET B 63 4.94 -24.30 0.39
C MET B 63 6.34 -24.68 0.83
N LYS B 64 6.73 -25.92 0.52
CA LYS B 64 8.07 -26.45 0.80
C LYS B 64 8.43 -27.40 -0.32
N TYR B 65 9.20 -26.92 -1.29
CA TYR B 65 9.54 -27.71 -2.48
C TYR B 65 10.90 -27.26 -2.99
N GLY B 66 11.79 -28.23 -3.20
CA GLY B 66 13.13 -27.94 -3.66
C GLY B 66 13.91 -27.11 -2.66
N CYS B 67 14.87 -26.34 -3.18
CA CYS B 67 15.69 -25.48 -2.36
C CYS B 67 15.16 -24.06 -2.17
N PHE B 68 14.21 -23.62 -3.02
CA PHE B 68 13.74 -22.23 -3.01
C PHE B 68 12.27 -21.99 -2.74
N CYS B 69 11.40 -22.94 -3.04
CA CYS B 69 9.97 -22.76 -2.72
C CYS B 69 9.78 -23.00 -1.23
N GLY B 70 9.39 -21.95 -0.51
CA GLY B 70 9.41 -21.96 0.96
C GLY B 70 10.12 -20.74 1.49
N LEU B 71 10.03 -20.54 2.80
CA LEU B 71 10.74 -19.46 3.51
CA LEU B 71 10.74 -19.45 3.48
C LEU B 71 12.21 -19.47 3.10
N GLY B 72 12.72 -18.32 2.66
CA GLY B 72 14.10 -18.20 2.23
C GLY B 72 14.42 -19.17 1.11
N GLY B 73 15.63 -19.71 1.14
CA GLY B 73 16.09 -20.65 0.16
C GLY B 73 17.50 -20.34 -0.29
N HIS B 74 18.25 -21.41 -0.55
CA HIS B 74 19.60 -21.30 -1.04
C HIS B 74 19.93 -22.60 -1.78
N GLY B 75 20.91 -22.56 -2.66
CA GLY B 75 21.40 -23.76 -3.33
C GLY B 75 21.23 -23.70 -4.82
N GLN B 76 21.42 -24.84 -5.47
CA GLN B 76 21.10 -24.96 -6.89
C GLN B 76 19.64 -25.34 -7.02
N PRO B 77 18.86 -24.59 -7.84
CA PRO B 77 17.47 -24.98 -8.08
C PRO B 77 17.38 -26.41 -8.62
N ARG B 78 16.50 -27.22 -8.03
CA ARG B 78 16.37 -28.64 -8.35
C ARG B 78 15.83 -28.90 -9.75
N ASP B 79 14.94 -28.02 -10.21
CA ASP B 79 14.17 -28.24 -11.44
C ASP B 79 13.46 -26.93 -11.85
N ALA B 80 12.63 -27.00 -12.88
CA ALA B 80 11.96 -25.81 -13.42
C ALA B 80 11.10 -25.09 -12.35
N ILE B 81 10.32 -25.85 -11.58
CA ILE B 81 9.55 -25.26 -10.48
C ILE B 81 10.45 -24.51 -9.51
N ASP B 82 11.60 -25.11 -9.19
CA ASP B 82 12.50 -24.51 -8.23
C ASP B 82 13.12 -23.23 -8.78
N TRP B 83 13.43 -23.23 -10.08
CA TRP B 83 13.86 -22.01 -10.78
C TRP B 83 12.80 -20.91 -10.74
N CYS B 84 11.51 -21.26 -10.90
CA CYS B 84 10.44 -20.26 -10.73
C CYS B 84 10.49 -19.65 -9.33
N CYS B 85 10.67 -20.48 -8.32
CA CYS B 85 10.79 -19.97 -6.95
C CYS B 85 12.06 -19.14 -6.74
N HIS B 86 13.19 -19.56 -7.31
CA HIS B 86 14.41 -18.77 -7.21
C HIS B 86 14.16 -17.37 -7.82
N GLY B 87 13.61 -17.32 -9.02
CA GLY B 87 13.26 -16.05 -9.66
C GLY B 87 12.33 -15.16 -8.84
N HIS B 88 11.38 -15.78 -8.16
CA HIS B 88 10.41 -15.09 -7.32
C HIS B 88 11.05 -14.56 -6.02
N ASP B 89 11.92 -15.37 -5.42
CA ASP B 89 12.71 -14.92 -4.27
C ASP B 89 13.53 -13.68 -4.62
N CYS B 90 14.15 -13.71 -5.80
CA CYS B 90 14.88 -12.56 -6.33
C CYS B 90 13.98 -11.33 -6.52
N CYS B 91 12.80 -11.55 -7.11
CA CYS B 91 11.80 -10.49 -7.34
C CYS B 91 11.38 -9.82 -6.03
N TYR B 92 11.11 -10.63 -5.01
CA TYR B 92 10.78 -10.11 -3.67
C TYR B 92 11.95 -9.36 -3.02
N THR B 93 13.19 -9.84 -3.19
CA THR B 93 14.38 -9.10 -2.73
C THR B 93 14.41 -7.70 -3.34
N ARG B 94 14.15 -7.60 -4.65
CA ARG B 94 14.09 -6.32 -5.35
C ARG B 94 12.97 -5.41 -4.81
N ALA B 95 11.80 -5.98 -4.59
CA ALA B 95 10.68 -5.25 -3.98
C ALA B 95 11.01 -4.70 -2.58
N GLU B 96 11.66 -5.51 -1.75
CA GLU B 96 12.12 -5.08 -0.42
C GLU B 96 13.11 -3.92 -0.54
N GLU B 97 14.07 -4.06 -1.44
CA GLU B 97 15.02 -2.98 -1.72
C GLU B 97 14.34 -1.69 -2.23
N ALA B 98 13.27 -1.85 -2.99
CA ALA B 98 12.46 -0.71 -3.43
C ALA B 98 11.59 -0.10 -2.31
N GLY B 99 11.65 -0.67 -1.10
CA GLY B 99 10.91 -0.16 0.06
C GLY B 99 9.49 -0.71 0.16
N CYS B 100 9.31 -2.00 -0.16
CA CYS B 100 8.00 -2.67 -0.04
C CYS B 100 8.08 -3.86 0.90
N SER B 101 6.90 -4.42 1.21
CA SER B 101 6.77 -5.51 2.18
C SER B 101 6.04 -6.68 1.51
N PRO B 102 6.78 -7.47 0.70
CA PRO B 102 6.18 -8.54 -0.12
C PRO B 102 5.38 -9.59 0.65
N LYS B 103 5.68 -9.82 1.92
CA LYS B 103 4.98 -10.84 2.69
C LYS B 103 3.58 -10.42 3.11
N THR B 104 3.36 -9.11 3.27
CA THR B 104 2.14 -8.62 3.93
C THR B 104 1.28 -7.65 3.12
N GLU B 105 1.89 -6.94 2.19
CA GLU B 105 1.24 -5.80 1.56
C GLU B 105 0.20 -6.26 0.54
N ARG B 106 -1.03 -5.79 0.71
CA ARG B 106 -2.17 -6.23 -0.10
C ARG B 106 -2.19 -5.51 -1.43
N TYR B 107 -2.79 -6.16 -2.44
CA TYR B 107 -3.01 -5.52 -3.73
C TYR B 107 -4.21 -6.14 -4.42
N SER B 108 -4.78 -5.41 -5.36
CA SER B 108 -5.91 -5.88 -6.15
C SER B 108 -5.45 -6.51 -7.47
N TRP B 109 -6.24 -7.48 -7.92
CA TRP B 109 -5.95 -8.20 -9.17
C TRP B 109 -7.19 -9.01 -9.53
N GLN B 110 -7.25 -9.46 -10.78
CA GLN B 110 -8.35 -10.29 -11.27
C GLN B 110 -7.81 -11.60 -11.80
N CYS B 111 -8.62 -12.66 -11.64
CA CYS B 111 -8.41 -13.92 -12.34
C CYS B 111 -9.40 -14.03 -13.51
N VAL B 112 -8.88 -14.04 -14.73
CA VAL B 112 -9.69 -14.12 -15.97
C VAL B 112 -9.12 -15.26 -16.79
N ASN B 113 -9.93 -16.31 -16.99
CA ASN B 113 -9.52 -17.49 -17.76
C ASN B 113 -8.19 -18.06 -17.28
N GLN B 114 -8.06 -18.23 -15.96
CA GLN B 114 -6.82 -18.73 -15.37
C GLN B 114 -5.59 -17.89 -15.75
N SER B 115 -5.76 -16.57 -15.81
CA SER B 115 -4.66 -15.62 -16.04
C SER B 115 -4.83 -14.49 -15.04
N VAL B 116 -3.72 -14.00 -14.53
CA VAL B 116 -3.72 -12.95 -13.54
C VAL B 116 -3.60 -11.63 -14.25
N LEU B 117 -4.55 -10.72 -13.98
CA LEU B 117 -4.42 -9.32 -14.40
C LEU B 117 -4.23 -8.44 -13.16
N CYS B 118 -3.21 -7.59 -13.22
CA CYS B 118 -2.78 -6.80 -12.06
C CYS B 118 -3.45 -5.45 -12.01
N GLY B 119 -3.97 -5.08 -10.84
CA GLY B 119 -4.53 -3.74 -10.64
C GLY B 119 -5.97 -3.75 -10.17
N PRO B 120 -6.54 -2.58 -9.85
CA PRO B 120 -5.85 -1.29 -9.91
C PRO B 120 -4.80 -1.14 -8.82
N ALA B 121 -3.68 -0.50 -9.14
CA ALA B 121 -2.63 -0.21 -8.19
C ALA B 121 -2.73 1.22 -7.67
N GLU B 122 -2.54 1.38 -6.36
CA GLU B 122 -2.53 2.69 -5.70
C GLU B 122 -1.13 3.28 -5.58
N ASN B 123 -0.10 2.45 -5.71
CA ASN B 123 1.28 2.86 -5.57
C ASN B 123 2.21 1.90 -6.31
N LYS B 124 3.49 2.24 -6.30
CA LYS B 124 4.52 1.41 -6.94
C LYS B 124 4.63 0.00 -6.33
N CYS B 125 4.53 -0.11 -5.01
CA CYS B 125 4.74 -1.40 -4.35
C CYS B 125 3.69 -2.44 -4.75
N GLN B 126 2.44 -2.01 -4.87
CA GLN B 126 1.36 -2.89 -5.33
C GLN B 126 1.61 -3.40 -6.74
N GLU B 127 2.07 -2.50 -7.60
N GLU B 127 2.07 -2.51 -7.63
CA GLU B 127 2.44 -2.86 -8.97
CA GLU B 127 2.45 -2.89 -8.99
C GLU B 127 3.58 -3.88 -8.98
C GLU B 127 3.58 -3.92 -8.97
N LEU B 128 4.63 -3.64 -8.19
CA LEU B 128 5.80 -4.55 -8.10
C LEU B 128 5.44 -5.94 -7.59
N LEU B 129 4.71 -5.97 -6.48
CA LEU B 129 4.33 -7.24 -5.85
C LEU B 129 3.45 -8.06 -6.78
N CYS B 130 2.42 -7.43 -7.33
CA CYS B 130 1.59 -8.14 -8.29
C CYS B 130 2.39 -8.68 -9.47
N LYS B 131 3.32 -7.89 -10.00
CA LYS B 131 4.17 -8.36 -11.10
C LYS B 131 5.04 -9.56 -10.69
N CYS B 132 5.59 -9.55 -9.48
CA CYS B 132 6.34 -10.71 -8.97
C CYS B 132 5.46 -11.97 -8.95
N ASP B 133 4.27 -11.81 -8.39
CA ASP B 133 3.38 -12.96 -8.16
C ASP B 133 2.77 -13.45 -9.48
N GLN B 134 2.39 -12.52 -10.35
CA GLN B 134 1.97 -12.87 -11.73
C GLN B 134 3.06 -13.64 -12.47
N GLU B 135 4.30 -13.18 -12.34
CA GLU B 135 5.45 -13.84 -12.95
C GLU B 135 5.61 -15.29 -12.47
N ILE B 136 5.61 -15.52 -11.16
CA ILE B 136 5.80 -16.90 -10.65
C ILE B 136 4.61 -17.77 -11.03
N ALA B 137 3.39 -17.22 -11.00
CA ALA B 137 2.20 -17.98 -11.37
C ALA B 137 2.30 -18.47 -12.81
N ASN B 138 2.72 -17.58 -13.71
CA ASN B 138 2.91 -17.92 -15.12
C ASN B 138 4.05 -18.92 -15.31
N CYS B 139 5.13 -18.74 -14.54
CA CYS B 139 6.28 -19.65 -14.56
C CYS B 139 5.86 -21.05 -14.11
N LEU B 140 5.19 -21.14 -12.96
CA LEU B 140 4.73 -22.42 -12.41
C LEU B 140 3.73 -23.16 -13.28
N ALA B 141 2.92 -22.43 -14.02
CA ALA B 141 1.86 -23.04 -14.84
C ALA B 141 2.38 -23.96 -15.95
N GLN B 142 3.59 -23.69 -16.44
CA GLN B 142 4.20 -24.44 -17.52
C GLN B 142 5.11 -25.58 -17.02
N THR B 143 4.99 -25.97 -15.74
CA THR B 143 5.89 -26.96 -15.15
C THR B 143 5.26 -28.32 -14.91
N GLU B 144 6.10 -29.34 -14.92
CA GLU B 144 5.78 -30.66 -14.42
C GLU B 144 6.19 -30.70 -12.95
N TYR B 145 5.35 -31.28 -12.10
CA TYR B 145 5.66 -31.44 -10.69
C TYR B 145 6.54 -32.67 -10.50
N ASN B 146 7.64 -32.53 -9.75
CA ASN B 146 8.44 -33.69 -9.35
C ASN B 146 8.22 -33.95 -7.87
N LEU B 147 7.42 -34.97 -7.55
CA LEU B 147 7.15 -35.34 -6.15
C LEU B 147 8.42 -35.57 -5.32
N LYS B 148 9.45 -36.08 -5.95
CA LYS B 148 10.74 -36.27 -5.28
C LYS B 148 11.32 -35.02 -4.62
N TYR B 149 10.92 -33.82 -5.09
CA TYR B 149 11.36 -32.56 -4.48
C TYR B 149 10.41 -31.91 -3.47
N LEU B 150 9.23 -32.49 -3.26
CA LEU B 150 8.35 -32.04 -2.18
C LEU B 150 9.02 -32.28 -0.81
N PHE B 151 8.97 -31.27 0.06
CA PHE B 151 9.59 -31.30 1.39
C PHE B 151 11.08 -31.68 1.35
N TYR B 152 11.78 -31.24 0.31
CA TYR B 152 13.22 -31.47 0.17
C TYR B 152 13.93 -30.79 1.36
N PRO B 153 14.80 -31.51 2.10
CA PRO B 153 15.43 -30.90 3.27
C PRO B 153 16.43 -29.80 2.92
N GLN B 154 16.38 -28.67 3.63
CA GLN B 154 17.25 -27.54 3.33
C GLN B 154 18.72 -27.80 3.64
N PHE B 155 18.99 -28.71 4.55
CA PHE B 155 20.38 -29.12 4.80
C PHE B 155 21.03 -29.83 3.61
N LEU B 156 20.24 -30.29 2.63
CA LEU B 156 20.78 -30.90 1.42
C LEU B 156 20.95 -29.94 0.24
N CYS B 157 20.58 -28.68 0.43
CA CYS B 157 20.78 -27.66 -0.57
C CYS B 157 22.14 -27.00 -0.37
N GLU B 158 22.77 -26.67 -1.49
CA GLU B 158 24.14 -26.12 -1.51
C GLU B 158 24.15 -24.77 -0.80
N PRO B 159 25.30 -24.39 -0.21
CA PRO B 159 25.38 -23.08 0.47
C PRO B 159 25.23 -21.88 -0.48
N ASP B 160 25.82 -21.99 -1.67
CA ASP B 160 25.81 -20.90 -2.63
C ASP B 160 24.62 -21.02 -3.59
N SER B 161 24.14 -19.88 -4.09
CA SER B 161 22.99 -19.82 -4.98
C SER B 161 23.32 -19.10 -6.29
N PRO B 162 22.53 -19.35 -7.35
CA PRO B 162 22.73 -18.58 -8.57
C PRO B 162 22.34 -17.12 -8.34
N LYS B 163 22.97 -16.24 -9.11
CA LYS B 163 22.76 -14.79 -8.99
C LYS B 163 21.33 -14.40 -9.39
N CYS B 164 20.81 -13.34 -8.79
CA CYS B 164 19.54 -12.77 -9.24
C CYS B 164 19.78 -11.94 -10.51
N ASP B 165 18.93 -12.15 -11.50
CA ASP B 165 19.01 -11.46 -12.80
C ASP B 165 17.92 -10.39 -12.85
#